data_6CF4
# 
_entry.id   6CF4 
# 
_audit_conform.dict_name       mmcif_pdbx.dic 
_audit_conform.dict_version    5.398 
_audit_conform.dict_location   http://mmcif.pdb.org/dictionaries/ascii/mmcif_pdbx.dic 
# 
loop_
_database_2.database_id 
_database_2.database_code 
_database_2.pdbx_database_accession 
_database_2.pdbx_DOI 
PDB   6CF4         pdb_00006cf4 10.2210/pdb6cf4/pdb 
WWPDB D_1000232635 ?            ?                   
EMDB  EMD-7466     ?            ?                   
# 
loop_
_pdbx_audit_revision_history.ordinal 
_pdbx_audit_revision_history.data_content_type 
_pdbx_audit_revision_history.major_revision 
_pdbx_audit_revision_history.minor_revision 
_pdbx_audit_revision_history.revision_date 
1 'Structure model' 1 0 2018-05-23 
2 'Structure model' 1 1 2018-06-06 
3 'Structure model' 1 2 2018-06-13 
4 'Structure model' 1 3 2019-12-18 
5 'Structure model' 1 4 2021-06-30 
6 'Structure model' 1 5 2024-11-06 
# 
_pdbx_audit_revision_details.ordinal             1 
_pdbx_audit_revision_details.revision_ordinal    1 
_pdbx_audit_revision_details.data_content_type   'Structure model' 
_pdbx_audit_revision_details.provider            repository 
_pdbx_audit_revision_details.type                'Initial release' 
_pdbx_audit_revision_details.description         ? 
_pdbx_audit_revision_details.details             ? 
# 
loop_
_pdbx_audit_revision_group.ordinal 
_pdbx_audit_revision_group.revision_ordinal 
_pdbx_audit_revision_group.data_content_type 
_pdbx_audit_revision_group.group 
1 2 'Structure model' 'Data collection'            
2 2 'Structure model' 'Database references'        
3 3 'Structure model' 'Data collection'            
4 3 'Structure model' 'Database references'        
5 4 'Structure model' 'Author supporting evidence' 
6 5 'Structure model' 'Data collection'            
7 6 'Structure model' 'Data collection'            
8 6 'Structure model' 'Database references'        
9 6 'Structure model' 'Structure summary'          
# 
loop_
_pdbx_audit_revision_category.ordinal 
_pdbx_audit_revision_category.revision_ordinal 
_pdbx_audit_revision_category.data_content_type 
_pdbx_audit_revision_category.category 
1  2 'Structure model' citation                  
2  2 'Structure model' citation_author           
3  3 'Structure model' citation                  
4  4 'Structure model' pdbx_audit_support        
5  5 'Structure model' diffrn_detector           
6  6 'Structure model' chem_comp_atom            
7  6 'Structure model' chem_comp_bond            
8  6 'Structure model' database_2                
9  6 'Structure model' em_admin                  
10 6 'Structure model' pdbx_entry_details        
11 6 'Structure model' pdbx_modification_feature 
# 
loop_
_pdbx_audit_revision_item.ordinal 
_pdbx_audit_revision_item.revision_ordinal 
_pdbx_audit_revision_item.data_content_type 
_pdbx_audit_revision_item.item 
1  2 'Structure model' '_citation.journal_abbrev'                 
2  2 'Structure model' '_citation.pdbx_database_id_PubMed'        
3  2 'Structure model' '_citation.title'                          
4  3 'Structure model' '_citation.journal_volume'                 
5  3 'Structure model' '_citation.page_first'                     
6  3 'Structure model' '_citation.page_last'                      
7  4 'Structure model' '_pdbx_audit_support.funding_organization' 
8  5 'Structure model' '_diffrn_detector.detector'                
9  6 'Structure model' '_database_2.pdbx_DOI'                     
10 6 'Structure model' '_database_2.pdbx_database_accession'      
11 6 'Structure model' '_em_admin.last_update'                    
# 
_pdbx_database_status.status_code                     REL 
_pdbx_database_status.status_code_sf                  REL 
_pdbx_database_status.status_code_mr                  ? 
_pdbx_database_status.entry_id                        6CF4 
_pdbx_database_status.recvd_initial_deposition_date   2018-02-13 
_pdbx_database_status.SG_entry                        N 
_pdbx_database_status.deposit_site                    RCSB 
_pdbx_database_status.process_site                    RCSB 
_pdbx_database_status.status_code_cs                  ? 
_pdbx_database_status.methods_development_category    ? 
_pdbx_database_status.pdb_format_compatible           Y 
_pdbx_database_status.status_code_nmr_data            ? 
# 
loop_
_pdbx_database_related.db_name 
_pdbx_database_related.details 
_pdbx_database_related.db_id 
_pdbx_database_related.content_type 
PDB  . 5WHN     unspecified            
PDB  . 5WKB     unspecified            
PDB  . 5WHP     unspecified            
EMDB 
;Segment NFGTFS, with familial mutation A315T and phosphorylated threonine, from the low complexity domain of TDP-43, residues 312-317
;
EMD-7466 'associated EM volume' 
# 
loop_
_audit_author.name 
_audit_author.pdbx_ordinal 
_audit_author.identifier_ORCID 
'Guenther, E.L.'  1 ? 
'Cao, Q.'         2 ? 
'Boyer, D.R.'     3 ? 
'Sawaya, M.R.'    4 ? 
'Eisenberg, D.S.' 5 ? 
# 
_citation.abstract                  ? 
_citation.abstract_id_CAS           ? 
_citation.book_id_ISBN              ? 
_citation.book_publisher            ? 
_citation.book_publisher_city       ? 
_citation.book_title                ? 
_citation.coordinate_linkage        ? 
_citation.country                   US 
_citation.database_id_Medline       ? 
_citation.details                   ? 
_citation.id                        primary 
_citation.journal_abbrev            'Nat. Struct. Mol. Biol.' 
_citation.journal_id_ASTM           ? 
_citation.journal_id_CSD            ? 
_citation.journal_id_ISSN           1545-9985 
_citation.journal_full              ? 
_citation.journal_issue             ? 
_citation.journal_volume            25 
_citation.language                  ? 
_citation.page_first                463 
_citation.page_last                 471 
_citation.title                     
'Atomic structures of TDP-43 LCD segments and insights into reversible or pathogenic aggregation.' 
_citation.year                      2018 
_citation.database_id_CSD           ? 
_citation.pdbx_database_id_DOI      10.1038/s41594-018-0064-2 
_citation.pdbx_database_id_PubMed   29786080 
_citation.unpublished_flag          ? 
# 
loop_
_citation_author.citation_id 
_citation_author.name 
_citation_author.ordinal 
_citation_author.identifier_ORCID 
primary 'Guenther, E.L.'  1  ? 
primary 'Cao, Q.'         2  ? 
primary 'Trinh, H.'       3  ? 
primary 'Lu, J.'          4  ? 
primary 'Sawaya, M.R.'    5  ? 
primary 'Cascio, D.'      6  ? 
primary 'Boyer, D.R.'     7  ? 
primary 'Rodriguez, J.A.' 8  ? 
primary 'Hughes, M.P.'    9  ? 
primary 'Eisenberg, D.S.' 10 ? 
# 
loop_
_entity.id 
_entity.type 
_entity.src_method 
_entity.pdbx_description 
_entity.formula_weight 
_entity.pdbx_number_of_molecules 
_entity.pdbx_ec 
_entity.pdbx_mutation 
_entity.pdbx_fragment 
_entity.details 
1 polymer syn NFGTFS 751.679 1 ? ? ? ? 
2 water   nat water  18.015  1 ? ? ? ? 
# 
_entity_poly.entity_id                      1 
_entity_poly.type                           'polypeptide(L)' 
_entity_poly.nstd_linkage                   no 
_entity_poly.nstd_monomer                   yes 
_entity_poly.pdbx_seq_one_letter_code       'NFG(TPO)FS' 
_entity_poly.pdbx_seq_one_letter_code_can   NFGTFS 
_entity_poly.pdbx_strand_id                 A 
_entity_poly.pdbx_target_identifier         ? 
# 
_pdbx_entity_nonpoly.entity_id   2 
_pdbx_entity_nonpoly.name        water 
_pdbx_entity_nonpoly.comp_id     HOH 
# 
loop_
_entity_poly_seq.entity_id 
_entity_poly_seq.num 
_entity_poly_seq.mon_id 
_entity_poly_seq.hetero 
1 1 ASN n 
1 2 PHE n 
1 3 GLY n 
1 4 TPO n 
1 5 PHE n 
1 6 SER n 
# 
_pdbx_entity_src_syn.entity_id              1 
_pdbx_entity_src_syn.pdbx_src_id            1 
_pdbx_entity_src_syn.pdbx_alt_source_flag   sample 
_pdbx_entity_src_syn.pdbx_beg_seq_num       1 
_pdbx_entity_src_syn.pdbx_end_seq_num       6 
_pdbx_entity_src_syn.organism_scientific    'Homo sapiens' 
_pdbx_entity_src_syn.organism_common_name   ? 
_pdbx_entity_src_syn.ncbi_taxonomy_id       9606 
_pdbx_entity_src_syn.details                
'Synthetic peptide NFGpTFS corresponding tosegment 312-317 of TDP-43, with phosphorylated threonine' 
# 
loop_
_chem_comp.id 
_chem_comp.type 
_chem_comp.mon_nstd_flag 
_chem_comp.name 
_chem_comp.pdbx_synonyms 
_chem_comp.formula 
_chem_comp.formula_weight 
ASN 'L-peptide linking' y ASPARAGINE       ?                  'C4 H8 N2 O3'   132.118 
GLY 'peptide linking'   y GLYCINE          ?                  'C2 H5 N O2'    75.067  
HOH non-polymer         . WATER            ?                  'H2 O'          18.015  
PHE 'L-peptide linking' y PHENYLALANINE    ?                  'C9 H11 N O2'   165.189 
SER 'L-peptide linking' y SERINE           ?                  'C3 H7 N O3'    105.093 
TPO 'L-peptide linking' n PHOSPHOTHREONINE PHOSPHONOTHREONINE 'C4 H10 N O6 P' 199.099 
# 
loop_
_pdbx_poly_seq_scheme.asym_id 
_pdbx_poly_seq_scheme.entity_id 
_pdbx_poly_seq_scheme.seq_id 
_pdbx_poly_seq_scheme.mon_id 
_pdbx_poly_seq_scheme.ndb_seq_num 
_pdbx_poly_seq_scheme.pdb_seq_num 
_pdbx_poly_seq_scheme.auth_seq_num 
_pdbx_poly_seq_scheme.pdb_mon_id 
_pdbx_poly_seq_scheme.auth_mon_id 
_pdbx_poly_seq_scheme.pdb_strand_id 
_pdbx_poly_seq_scheme.pdb_ins_code 
_pdbx_poly_seq_scheme.hetero 
A 1 1 ASN 1 312 312 ASN ASN A . n 
A 1 2 PHE 2 313 313 PHE PHE A . n 
A 1 3 GLY 3 314 314 GLY GLY A . n 
A 1 4 TPO 4 315 315 TPO TPO A . n 
A 1 5 PHE 5 316 316 PHE PHE A . n 
A 1 6 SER 6 317 317 SER SER A . n 
# 
_pdbx_nonpoly_scheme.asym_id         B 
_pdbx_nonpoly_scheme.entity_id       2 
_pdbx_nonpoly_scheme.mon_id          HOH 
_pdbx_nonpoly_scheme.ndb_seq_num     1 
_pdbx_nonpoly_scheme.pdb_seq_num     401 
_pdbx_nonpoly_scheme.auth_seq_num    1 
_pdbx_nonpoly_scheme.pdb_mon_id      HOH 
_pdbx_nonpoly_scheme.auth_mon_id     HOH 
_pdbx_nonpoly_scheme.pdb_strand_id   A 
_pdbx_nonpoly_scheme.pdb_ins_code    . 
# 
loop_
_software.citation_id 
_software.classification 
_software.compiler_name 
_software.compiler_version 
_software.contact_author 
_software.contact_author_email 
_software.date 
_software.description 
_software.dependencies 
_software.hardware 
_software.language 
_software.location 
_software.mods 
_software.name 
_software.os 
_software.os_version 
_software.type 
_software.version 
_software.pdbx_ordinal 
? 'data reduction'  ? ? 'Wolfgang Kabsch' Wolfgang.Kabsch@mpimf-heidelberg.mpg.de ?              ? ? ? ?   
http://www.mpimf-heidelberg.mpg.de/~kabsch/xds/                             ? XDS         ? ? package .    1 
? 'data scaling'    ? ? 'Wolfgang Kabsch' ?                                       ?              ? ? ? ?   
http://www.mpimf-heidelberg.mpg.de/~kabsch/xds/html_doc/xscale_program.html ? XSCALE      ? ? package .    2 
? refinement        ? ? 'Paul D. Adams'   PDAdams@lbl.gov                         ?              ? ? ? C++ 
http://www.phenix-online.org/                                               ? PHENIX      ? ? package .    3 
? 'data extraction' ? ? PDB               deposit@deposit.rcsb.org                'Sep. 1, 2017' ? ? ? C++ 
http://sw-tools.pdb.org/apps/PDB_EXTRACT/                                   ? PDB_EXTRACT ? ? package 3.24 4 
# 
_cell.angle_alpha                  90.000 
_cell.angle_alpha_esd              ? 
_cell.angle_beta                   90.000 
_cell.angle_beta_esd               ? 
_cell.angle_gamma                  90.000 
_cell.angle_gamma_esd              ? 
_cell.entry_id                     6CF4 
_cell.details                      ? 
_cell.formula_units_Z              ? 
_cell.length_a                     23.650 
_cell.length_a_esd                 ? 
_cell.length_b                     4.720 
_cell.length_b_esd                 ? 
_cell.length_c                     30.060 
_cell.length_c_esd                 ? 
_cell.volume                       ? 
_cell.volume_esd                   ? 
_cell.Z_PDB                        4 
_cell.reciprocal_angle_alpha       ? 
_cell.reciprocal_angle_beta        ? 
_cell.reciprocal_angle_gamma       ? 
_cell.reciprocal_angle_alpha_esd   ? 
_cell.reciprocal_angle_beta_esd    ? 
_cell.reciprocal_angle_gamma_esd   ? 
_cell.reciprocal_length_a          ? 
_cell.reciprocal_length_b          ? 
_cell.reciprocal_length_c          ? 
_cell.reciprocal_length_a_esd      ? 
_cell.reciprocal_length_b_esd      ? 
_cell.reciprocal_length_c_esd      ? 
_cell.pdbx_unique_axis             ? 
# 
_symmetry.entry_id                         6CF4 
_symmetry.cell_setting                     ? 
_symmetry.Int_Tables_number                19 
_symmetry.space_group_name_Hall            ? 
_symmetry.space_group_name_H-M             'P 21 21 21' 
_symmetry.pdbx_full_space_group_name_H-M   ? 
# 
_exptl.absorpt_coefficient_mu     ? 
_exptl.absorpt_correction_T_max   ? 
_exptl.absorpt_correction_T_min   ? 
_exptl.absorpt_correction_type    ? 
_exptl.absorpt_process_details    ? 
_exptl.entry_id                   6CF4 
_exptl.crystals_number            ? 
_exptl.details                    ? 
_exptl.method                     'ELECTRON CRYSTALLOGRAPHY' 
_exptl.method_details             ? 
# 
_exptl_crystal.colour                      ? 
_exptl_crystal.density_diffrn              ? 
_exptl_crystal.density_Matthews            ? 
_exptl_crystal.density_method              ? 
_exptl_crystal.density_percent_sol         ? 
_exptl_crystal.description                 ? 
_exptl_crystal.F_000                       ? 
_exptl_crystal.id                          1 
_exptl_crystal.preparation                 ? 
_exptl_crystal.size_max                    ? 
_exptl_crystal.size_mid                    ? 
_exptl_crystal.size_min                    ? 
_exptl_crystal.size_rad                    ? 
_exptl_crystal.colour_lustre               ? 
_exptl_crystal.colour_modifier             ? 
_exptl_crystal.colour_primary              ? 
_exptl_crystal.density_meas                ? 
_exptl_crystal.density_meas_esd            ? 
_exptl_crystal.density_meas_gt             ? 
_exptl_crystal.density_meas_lt             ? 
_exptl_crystal.density_meas_temp           ? 
_exptl_crystal.density_meas_temp_esd       ? 
_exptl_crystal.density_meas_temp_gt        ? 
_exptl_crystal.density_meas_temp_lt        ? 
_exptl_crystal.pdbx_crystal_image_url      ? 
_exptl_crystal.pdbx_crystal_image_format   ? 
_exptl_crystal.pdbx_mosaicity              ? 
_exptl_crystal.pdbx_mosaicity_esd          ? 
# 
_exptl_crystal_grow.apparatus       ? 
_exptl_crystal_grow.atmosphere      ? 
_exptl_crystal_grow.crystal_id      1 
_exptl_crystal_grow.details         ? 
_exptl_crystal_grow.method          Batch 
_exptl_crystal_grow.method_ref      ? 
_exptl_crystal_grow.pH              7.5 
_exptl_crystal_grow.pressure        ? 
_exptl_crystal_grow.pressure_esd    ? 
_exptl_crystal_grow.seeding         ? 
_exptl_crystal_grow.seeding_ref     ? 
_exptl_crystal_grow.temp            310 
_exptl_crystal_grow.temp_details    ? 
_exptl_crystal_grow.temp_esd        ? 
_exptl_crystal_grow.time            ? 
_exptl_crystal_grow.pdbx_details    '1X PBS 7.5' 
_exptl_crystal_grow.pdbx_pH_range   ? 
# 
_diffrn.ambient_environment              ? 
_diffrn.ambient_temp                     100 
_diffrn.ambient_temp_details             ? 
_diffrn.ambient_temp_esd                 ? 
_diffrn.crystal_id                       1 
_diffrn.crystal_support                  ? 
_diffrn.crystal_treatment                ? 
_diffrn.details                          ? 
_diffrn.id                               1 
_diffrn.ambient_pressure                 ? 
_diffrn.ambient_pressure_esd             ? 
_diffrn.ambient_pressure_gt              ? 
_diffrn.ambient_pressure_lt              ? 
_diffrn.ambient_temp_gt                  ? 
_diffrn.ambient_temp_lt                  ? 
_diffrn.pdbx_serial_crystal_experiment   ? 
# 
_diffrn_detector.details                      ? 
_diffrn_detector.detector                     CMOS 
_diffrn_detector.diffrn_id                    1 
_diffrn_detector.type                         'TVIPS F416 CMOS CAMERA' 
_diffrn_detector.area_resol_mean              ? 
_diffrn_detector.dtime                        ? 
_diffrn_detector.pdbx_frames_total            ? 
_diffrn_detector.pdbx_collection_time_total   ? 
_diffrn_detector.pdbx_collection_date         2018-01-09 
# 
_diffrn_radiation_wavelength.id           1 
_diffrn_radiation_wavelength.wavelength   0.0251 
_diffrn_radiation_wavelength.wt           1.0 
# 
_diffrn_source.current                     ? 
_diffrn_source.details                     ? 
_diffrn_source.diffrn_id                   1 
_diffrn_source.power                       ? 
_diffrn_source.size                        ? 
_diffrn_source.source                      'TRANSMISSION ELECTRON MICROSCOPE' 
_diffrn_source.target                      ? 
_diffrn_source.type                        'TECNAI F20 TEM' 
_diffrn_source.voltage                     ? 
_diffrn_source.take-off_angle              ? 
_diffrn_source.pdbx_wavelength_list        0.0251 
_diffrn_source.pdbx_wavelength             ? 
_diffrn_source.pdbx_synchrotron_beamline   ? 
_diffrn_source.pdbx_synchrotron_site       ? 
# 
_reflns.B_iso_Wilson_estimate            40.550 
_reflns.entry_id                         6CF4 
_reflns.data_reduction_details           ? 
_reflns.data_reduction_method            ? 
_reflns.d_resolution_high                0.750 
_reflns.d_resolution_low                 7.645 
_reflns.details                          ? 
_reflns.limit_h_max                      ? 
_reflns.limit_h_min                      ? 
_reflns.limit_k_max                      ? 
_reflns.limit_k_min                      ? 
_reflns.limit_l_max                      ? 
_reflns.limit_l_min                      ? 
_reflns.number_all                       ? 
_reflns.number_obs                       4177 
_reflns.observed_criterion               ? 
_reflns.observed_criterion_F_max         ? 
_reflns.observed_criterion_F_min         ? 
_reflns.observed_criterion_I_max         ? 
_reflns.observed_criterion_I_min         ? 
_reflns.observed_criterion_sigma_F       ? 
_reflns.observed_criterion_sigma_I       ? 
_reflns.percent_possible_obs             86.600 
_reflns.R_free_details                   ? 
_reflns.Rmerge_F_all                     ? 
_reflns.Rmerge_F_obs                     ? 
_reflns.Friedel_coverage                 ? 
_reflns.number_gt                        ? 
_reflns.threshold_expression             ? 
_reflns.pdbx_redundancy                  3.804 
_reflns.pdbx_Rmerge_I_obs                0.172 
_reflns.pdbx_Rmerge_I_all                ? 
_reflns.pdbx_Rsym_value                  ? 
_reflns.pdbx_netI_over_av_sigmaI         ? 
_reflns.pdbx_netI_over_sigmaI            3.900 
_reflns.pdbx_res_netI_over_av_sigmaI_2   ? 
_reflns.pdbx_res_netI_over_sigmaI_2      ? 
_reflns.pdbx_chi_squared                 0.958 
_reflns.pdbx_scaling_rejects             ? 
_reflns.pdbx_d_res_high_opt              ? 
_reflns.pdbx_d_res_low_opt               ? 
_reflns.pdbx_d_res_opt_method            ? 
_reflns.phase_calculation_details        ? 
_reflns.pdbx_Rrim_I_all                  0.203 
_reflns.pdbx_Rpim_I_all                  ? 
_reflns.pdbx_d_opt                       ? 
_reflns.pdbx_number_measured_all         15891 
_reflns.pdbx_diffrn_id                   1 
_reflns.pdbx_ordinal                     1 
_reflns.pdbx_CC_half                     0.989 
_reflns.pdbx_R_split                     ? 
# 
loop_
_reflns_shell.d_res_high 
_reflns_shell.d_res_low 
_reflns_shell.meanI_over_sigI_all 
_reflns_shell.meanI_over_sigI_obs 
_reflns_shell.number_measured_all 
_reflns_shell.number_measured_obs 
_reflns_shell.number_possible 
_reflns_shell.number_unique_all 
_reflns_shell.number_unique_obs 
_reflns_shell.percent_possible_all 
_reflns_shell.percent_possible_obs 
_reflns_shell.Rmerge_F_all 
_reflns_shell.Rmerge_F_obs 
_reflns_shell.Rmerge_I_all 
_reflns_shell.Rmerge_I_obs 
_reflns_shell.meanI_over_sigI_gt 
_reflns_shell.meanI_over_uI_all 
_reflns_shell.meanI_over_uI_gt 
_reflns_shell.number_measured_gt 
_reflns_shell.number_unique_gt 
_reflns_shell.percent_possible_gt 
_reflns_shell.Rmerge_F_gt 
_reflns_shell.Rmerge_I_gt 
_reflns_shell.pdbx_redundancy 
_reflns_shell.pdbx_Rsym_value 
_reflns_shell.pdbx_chi_squared 
_reflns_shell.pdbx_netI_over_sigmaI_all 
_reflns_shell.pdbx_netI_over_sigmaI_obs 
_reflns_shell.pdbx_Rrim_I_all 
_reflns_shell.pdbx_Rpim_I_all 
_reflns_shell.pdbx_rejects 
_reflns_shell.pdbx_ordinal 
_reflns_shell.pdbx_diffrn_id 
_reflns_shell.pdbx_CC_half 
_reflns_shell.pdbx_R_split 
0.750 0.770 ? 1.280 ? 1259 360 ? 314 87.200 ? ? ? ? 0.661 ? ? ? ? ? ? ? ? 4.010 ? ? ? ? 0.757 ? ? 1  1 0.599 ? 
0.770 0.790 ? 1.430 ? 1271 352 ? 310 88.100 ? ? ? ? 0.668 ? ? ? ? ? ? ? ? 4.100 ? ? ? ? 0.770 ? ? 2  1 0.533 ? 
0.790 0.810 ? 1.350 ? 974  306 ? 268 87.600 ? ? ? ? 0.656 ? ? ? ? ? ? ? ? 3.634 ? ? ? ? 0.772 ? ? 3  1 0.474 ? 
0.810 0.840 ? 1.530 ? 1019 301 ? 265 88.000 ? ? ? ? 0.633 ? ? ? ? ? ? ? ? 3.845 ? ? ? ? 0.730 ? ? 4  1 0.625 ? 
0.840 0.870 ? 1.830 ? 1032 303 ? 263 86.800 ? ? ? ? 0.559 ? ? ? ? ? ? ? ? 3.924 ? ? ? ? 0.645 ? ? 5  1 0.646 ? 
0.870 0.900 ? 2.580 ? 1082 305 ? 268 87.900 ? ? ? ? 0.420 ? ? ? ? ? ? ? ? 4.037 ? ? ? ? 0.484 ? ? 6  1 0.788 ? 
0.900 0.930 ? 3.480 ? 1146 306 ? 270 88.200 ? ? ? ? 0.302 ? ? ? ? ? ? ? ? 4.244 ? ? ? ? 0.341 ? ? 7  1 0.903 ? 
0.930 0.970 ? 3.360 ? 901  277 ? 244 88.100 ? ? ? ? 0.304 ? ? ? ? ? ? ? ? 3.693 ? ? ? ? 0.353 ? ? 8  1 0.864 ? 
0.970 1.010 ? 3.370 ? 808  258 ? 224 86.800 ? ? ? ? 0.341 ? ? ? ? ? ? ? ? 3.607 ? ? ? ? 0.405 ? ? 9  1 0.832 ? 
1.010 1.060 ? 4.480 ? 835  251 ? 218 86.900 ? ? ? ? 0.273 ? ? ? ? ? ? ? ? 3.830 ? ? ? ? 0.320 ? ? 10 1 0.872 ? 
1.060 1.120 ? 5.190 ? 912  259 ? 227 87.600 ? ? ? ? 0.214 ? ? ? ? ? ? ? ? 4.018 ? ? ? ? 0.247 ? ? 11 1 0.969 ? 
1.120 1.190 ? 5.710 ? 915  253 ? 222 87.700 ? ? ? ? 0.213 ? ? ? ? ? ? ? ? 4.122 ? ? ? ? 0.248 ? ? 12 1 0.953 ? 
1.190 1.270 ? 5.610 ? 593  208 ? 175 84.100 ? ? ? ? 0.177 ? ? ? ? ? ? ? ? 3.389 ? ? ? ? 0.211 ? ? 13 1 0.958 ? 
1.270 1.370 ? 5.480 ? 597  204 ? 178 87.300 ? ? ? ? 0.200 ? ? ? ? ? ? ? ? 3.354 ? ? ? ? 0.239 ? ? 14 1 0.942 ? 
1.370 1.500 ? 6.700 ? 688  207 ? 177 85.500 ? ? ? ? 0.184 ? ? ? ? ? ? ? ? 3.887 ? ? ? ? 0.216 ? ? 15 1 0.929 ? 
1.500 1.680 ? 7.210 ? 573  179 ? 156 87.200 ? ? ? ? 0.151 ? ? ? ? ? ? ? ? 3.673 ? ? ? ? 0.181 ? ? 16 1 0.929 ? 
1.680 1.940 ? 7.090 ? 382  152 ? 127 83.600 ? ? ? ? 0.143 ? ? ? ? ? ? ? ? 3.008 ? ? ? ? 0.174 ? ? 17 1 0.929 ? 
1.940 2.370 ? 8.650 ? 505  161 ? 134 83.200 ? ? ? ? 0.129 ? ? ? ? ? ? ? ? 3.769 ? ? ? ? 0.150 ? ? 18 1 0.976 ? 
2.370 3.360 ? 8.710 ? 239  102 ? 82  80.400 ? ? ? ? 0.082 ? ? ? ? ? ? ? ? 2.915 ? ? ? ? 0.102 ? ? 19 1 0.983 ? 
3.360 7.645 ? 9.550 ? 160  78  ? 55  70.500 ? ? ? ? 0.068 ? ? ? ? ? ? ? ? 2.909 ? ? ? ? 0.082 ? ? 20 1 0.991 ? 
# 
_refine.aniso_B[1][1]                            ? 
_refine.aniso_B[1][2]                            ? 
_refine.aniso_B[1][3]                            ? 
_refine.aniso_B[2][2]                            ? 
_refine.aniso_B[2][3]                            ? 
_refine.aniso_B[3][3]                            ? 
_refine.B_iso_max                                170.860 
_refine.B_iso_mean                               12.1080 
_refine.B_iso_min                                0.000 
_refine.correlation_coeff_Fo_to_Fc               ? 
_refine.correlation_coeff_Fo_to_Fc_free          ? 
_refine.details                                  ? 
_refine.diff_density_max                         ? 
_refine.diff_density_max_esd                     ? 
_refine.diff_density_min                         ? 
_refine.diff_density_min_esd                     ? 
_refine.diff_density_rms                         ? 
_refine.diff_density_rms_esd                     ? 
_refine.entry_id                                 6CF4 
_refine.pdbx_refine_id                           'ELECTRON CRYSTALLOGRAPHY' 
_refine.ls_abs_structure_details                 ? 
_refine.ls_abs_structure_Flack                   ? 
_refine.ls_abs_structure_Flack_esd               ? 
_refine.ls_abs_structure_Rogers                  ? 
_refine.ls_abs_structure_Rogers_esd              ? 
_refine.ls_d_res_high                            0.7500 
_refine.ls_d_res_low                             7.6450 
_refine.ls_extinction_coef                       ? 
_refine.ls_extinction_coef_esd                   ? 
_refine.ls_extinction_expression                 ? 
_refine.ls_extinction_method                     ? 
_refine.ls_goodness_of_fit_all                   ? 
_refine.ls_goodness_of_fit_all_esd               ? 
_refine.ls_goodness_of_fit_obs                   ? 
_refine.ls_goodness_of_fit_obs_esd               ? 
_refine.ls_hydrogen_treatment                    ? 
_refine.ls_matrix_type                           ? 
_refine.ls_number_constraints                    ? 
_refine.ls_number_parameters                     ? 
_refine.ls_number_reflns_all                     ? 
_refine.ls_number_reflns_obs                     4178 
_refine.ls_number_reflns_R_free                  428 
_refine.ls_number_reflns_R_work                  ? 
_refine.ls_number_restraints                     ? 
_refine.ls_percent_reflns_obs                    86.7700 
_refine.ls_percent_reflns_R_free                 10.2400 
_refine.ls_R_factor_all                          ? 
_refine.ls_R_factor_obs                          0.2346 
_refine.ls_R_factor_R_free                       0.2512 
_refine.ls_R_factor_R_free_error                 ? 
_refine.ls_R_factor_R_free_error_details         ? 
_refine.ls_R_factor_R_work                       0.2324 
_refine.ls_R_Fsqd_factor_obs                     ? 
_refine.ls_R_I_factor_obs                        ? 
_refine.ls_redundancy_reflns_all                 ? 
_refine.ls_redundancy_reflns_obs                 ? 
_refine.ls_restrained_S_all                      ? 
_refine.ls_restrained_S_obs                      ? 
_refine.ls_shift_over_esd_max                    ? 
_refine.ls_shift_over_esd_mean                   ? 
_refine.ls_structure_factor_coef                 ? 
_refine.ls_weighting_details                     ? 
_refine.ls_weighting_scheme                      ? 
_refine.ls_wR_factor_all                         ? 
_refine.ls_wR_factor_obs                         ? 
_refine.ls_wR_factor_R_free                      ? 
_refine.ls_wR_factor_R_work                      ? 
_refine.occupancy_max                            ? 
_refine.occupancy_min                            ? 
_refine.solvent_model_details                    ? 
_refine.solvent_model_param_bsol                 ? 
_refine.solvent_model_param_ksol                 ? 
_refine.ls_R_factor_gt                           ? 
_refine.ls_goodness_of_fit_gt                    ? 
_refine.ls_goodness_of_fit_ref                   ? 
_refine.ls_shift_over_su_max                     ? 
_refine.ls_shift_over_su_max_lt                  ? 
_refine.ls_shift_over_su_mean                    ? 
_refine.ls_shift_over_su_mean_lt                 ? 
_refine.pdbx_ls_sigma_I                          ? 
_refine.pdbx_ls_sigma_F                          1.380 
_refine.pdbx_ls_sigma_Fsqd                       ? 
_refine.pdbx_data_cutoff_high_absF               ? 
_refine.pdbx_data_cutoff_high_rms_absF           ? 
_refine.pdbx_data_cutoff_low_absF                ? 
_refine.pdbx_isotropic_thermal_model             ? 
_refine.pdbx_ls_cross_valid_method               THROUGHOUT 
_refine.pdbx_method_to_determine_struct          ? 
_refine.pdbx_starting_model                      ? 
_refine.pdbx_stereochemistry_target_values       ? 
_refine.pdbx_R_Free_selection_details            ? 
_refine.pdbx_stereochem_target_val_spec_case     ? 
_refine.pdbx_overall_ESU_R                       ? 
_refine.pdbx_overall_ESU_R_Free                  ? 
_refine.pdbx_solvent_vdw_probe_radii             1.1100 
_refine.pdbx_solvent_ion_probe_radii             ? 
_refine.pdbx_solvent_shrinkage_radii             0.9000 
_refine.pdbx_real_space_R                        ? 
_refine.pdbx_density_correlation                 ? 
_refine.pdbx_pd_number_of_powder_patterns        ? 
_refine.pdbx_pd_number_of_points                 ? 
_refine.pdbx_pd_meas_number_of_points            ? 
_refine.pdbx_pd_proc_ls_prof_R_factor            ? 
_refine.pdbx_pd_proc_ls_prof_wR_factor           ? 
_refine.pdbx_pd_Marquardt_correlation_coeff      ? 
_refine.pdbx_pd_Fsqrd_R_factor                   ? 
_refine.pdbx_pd_ls_matrix_band_width             ? 
_refine.pdbx_overall_phase_error                 30.2100 
_refine.pdbx_overall_SU_R_free_Cruickshank_DPI   ? 
_refine.pdbx_overall_SU_R_free_Blow_DPI          ? 
_refine.pdbx_overall_SU_R_Blow_DPI               ? 
_refine.pdbx_TLS_residual_ADP_flag               ? 
_refine.pdbx_diffrn_id                           1 
_refine.overall_SU_B                             ? 
_refine.overall_SU_ML                            0.1100 
_refine.overall_SU_R_Cruickshank_DPI             ? 
_refine.overall_SU_R_free                        ? 
_refine.overall_FOM_free_R_set                   ? 
_refine.overall_FOM_work_R_set                   ? 
_refine.pdbx_average_fsc_overall                 ? 
_refine.pdbx_average_fsc_work                    ? 
_refine.pdbx_average_fsc_free                    ? 
# 
_refine_hist.cycle_id                         final 
_refine_hist.pdbx_refine_id                   'X-RAY DIFFRACTION' 
_refine_hist.d_res_high                       0.7500 
_refine_hist.d_res_low                        7.6450 
_refine_hist.pdbx_number_atoms_ligand         0 
_refine_hist.number_atoms_solvent             1 
_refine_hist.number_atoms_total               53 
_refine_hist.pdbx_number_residues_total       6 
_refine_hist.pdbx_B_iso_mean_solvent          3.07 
_refine_hist.pdbx_number_atoms_protein        52 
_refine_hist.pdbx_number_atoms_nucleic_acid   0 
# 
loop_
_refine_ls_restr.pdbx_refine_id 
_refine_ls_restr.criterion 
_refine_ls_restr.dev_ideal 
_refine_ls_restr.dev_ideal_target 
_refine_ls_restr.number 
_refine_ls_restr.rejects 
_refine_ls_restr.type 
_refine_ls_restr.weight 
_refine_ls_restr.pdbx_restraint_function 
'ELECTRON CRYSTALLOGRAPHY' ? 0.021  ? 53 ? f_bond_d           ? ? 
'ELECTRON CRYSTALLOGRAPHY' ? 2.042  ? 72 ? f_angle_d          ? ? 
'ELECTRON CRYSTALLOGRAPHY' ? 0.110  ? 6  ? f_chiral_restr     ? ? 
'ELECTRON CRYSTALLOGRAPHY' ? 0.008  ? 9  ? f_plane_restr      ? ? 
'ELECTRON CRYSTALLOGRAPHY' ? 32.500 ? 16 ? f_dihedral_angle_d ? ? 
# 
loop_
_refine_ls_shell.pdbx_refine_id 
_refine_ls_shell.d_res_high 
_refine_ls_shell.d_res_low 
_refine_ls_shell.number_reflns_all 
_refine_ls_shell.number_reflns_obs 
_refine_ls_shell.number_reflns_R_free 
_refine_ls_shell.number_reflns_R_work 
_refine_ls_shell.percent_reflns_obs 
_refine_ls_shell.percent_reflns_R_free 
_refine_ls_shell.R_factor_all 
_refine_ls_shell.R_factor_obs 
_refine_ls_shell.R_factor_R_free 
_refine_ls_shell.R_factor_R_free_error 
_refine_ls_shell.R_factor_R_work 
_refine_ls_shell.redundancy_reflns_all 
_refine_ls_shell.redundancy_reflns_obs 
_refine_ls_shell.wR_factor_all 
_refine_ls_shell.wR_factor_obs 
_refine_ls_shell.wR_factor_R_free 
_refine_ls_shell.wR_factor_R_work 
_refine_ls_shell.pdbx_total_number_of_bins_used 
_refine_ls_shell.pdbx_phase_error 
_refine_ls_shell.pdbx_fsc_work 
_refine_ls_shell.pdbx_fsc_free 
'ELECTRON CRYSTALLOGRAPHY' 0.7503 0.8588 1348 . 139 1209 88.0000 . . . 0.4023 0.0000 0.3819 . . . . . . 3 . . . 
'ELECTRON CRYSTALLOGRAPHY' 0.8588 1.0815 1378 . 137 1241 88.0000 . . . 0.2774 0.0000 0.2828 . . . . . . 3 . . . 
'ELECTRON CRYSTALLOGRAPHY' 1.0815 7.6450 1452 . 152 1300 85.0000 . . . 0.2098 0.0000 0.1861 . . . . . . 3 . . . 
# 
_struct.entry_id                     6CF4 
_struct.title                        
;Segment NFGTFS, with familial mutation A315T and phosphorylated threonine, from the low complexity domain of TDP-43, residues 312-317
;
_struct.pdbx_model_details           ? 
_struct.pdbx_formula_weight          ? 
_struct.pdbx_formula_weight_method   ? 
_struct.pdbx_model_type_details      ? 
_struct.pdbx_CASP_flag               N 
# 
_struct_keywords.entry_id        6CF4 
_struct_keywords.text            'Amyloid, LARKS, Reversible aggregation, PROTEIN FIBRIL' 
_struct_keywords.pdbx_keywords   'PROTEIN FIBRIL' 
# 
loop_
_struct_asym.id 
_struct_asym.pdbx_blank_PDB_chainid_flag 
_struct_asym.pdbx_modified 
_struct_asym.entity_id 
_struct_asym.details 
A N N 1 ? 
B N N 2 ? 
# 
_struct_ref.id                         1 
_struct_ref.db_name                    PDB 
_struct_ref.db_code                    6CF4 
_struct_ref.pdbx_db_accession          6CF4 
_struct_ref.pdbx_db_isoform            ? 
_struct_ref.entity_id                  1 
_struct_ref.pdbx_seq_one_letter_code   ? 
_struct_ref.pdbx_align_begin           1 
# 
_struct_ref_seq.align_id                      1 
_struct_ref_seq.ref_id                        1 
_struct_ref_seq.pdbx_PDB_id_code              6CF4 
_struct_ref_seq.pdbx_strand_id                A 
_struct_ref_seq.seq_align_beg                 1 
_struct_ref_seq.pdbx_seq_align_beg_ins_code   ? 
_struct_ref_seq.seq_align_end                 6 
_struct_ref_seq.pdbx_seq_align_end_ins_code   ? 
_struct_ref_seq.pdbx_db_accession             6CF4 
_struct_ref_seq.db_align_beg                  312 
_struct_ref_seq.pdbx_db_align_beg_ins_code    ? 
_struct_ref_seq.db_align_end                  317 
_struct_ref_seq.pdbx_db_align_end_ins_code    ? 
_struct_ref_seq.pdbx_auth_seq_align_beg       312 
_struct_ref_seq.pdbx_auth_seq_align_end       317 
# 
_pdbx_struct_assembly.id                   1 
_pdbx_struct_assembly.details              author_defined_assembly 
_pdbx_struct_assembly.method_details       ? 
_pdbx_struct_assembly.oligomeric_details   decameric 
_pdbx_struct_assembly.oligomeric_count     10 
# 
_pdbx_struct_assembly_gen.assembly_id       1 
_pdbx_struct_assembly_gen.oper_expression   1,2,3,4,5,6,7,8,9,10 
_pdbx_struct_assembly_gen.asym_id_list      A,B 
# 
_pdbx_struct_assembly_auth_evidence.id                     1 
_pdbx_struct_assembly_auth_evidence.assembly_id            1 
_pdbx_struct_assembly_auth_evidence.experimental_support   none 
_pdbx_struct_assembly_auth_evidence.details                ? 
# 
loop_
_pdbx_struct_oper_list.id 
_pdbx_struct_oper_list.type 
_pdbx_struct_oper_list.name 
_pdbx_struct_oper_list.symmetry_operation 
_pdbx_struct_oper_list.matrix[1][1] 
_pdbx_struct_oper_list.matrix[1][2] 
_pdbx_struct_oper_list.matrix[1][3] 
_pdbx_struct_oper_list.vector[1] 
_pdbx_struct_oper_list.matrix[2][1] 
_pdbx_struct_oper_list.matrix[2][2] 
_pdbx_struct_oper_list.matrix[2][3] 
_pdbx_struct_oper_list.vector[2] 
_pdbx_struct_oper_list.matrix[3][1] 
_pdbx_struct_oper_list.matrix[3][2] 
_pdbx_struct_oper_list.matrix[3][3] 
_pdbx_struct_oper_list.vector[3] 
1  'identity operation'         1_555 x,y,z           1.0000000000 0.0000000000 0.0000000000 0.0000000000   0.0000000000 1.0000000000  0.0000000000 0.0000000000  0.0000000000 0.0000000000 1.0000000000  0.0000000000  
2  'crystal symmetry operation' 1_565 x,y+1,z         1.0000000000 0.0000000000 0.0000000000 -4.1690417797  0.0000000000 1.0000000000  0.0000000000 -1.1893231739 0.0000000000 0.0000000000 1.0000000000  -1.8662799971 
3  'crystal symmetry operation' 1_575 x,y+2,z         1.0000000000 0.0000000000 0.0000000000 -8.3380835593  0.0000000000 1.0000000000  0.0000000000 -2.3786463477 0.0000000000 0.0000000000 1.0000000000  -3.7325599941 
4  'crystal symmetry operation' 1_545 x,y-1,z         1.0000000000 0.0000000000 0.0000000000 4.1690417797   0.0000000000 1.0000000000  0.0000000000 1.1893231739  0.0000000000 0.0000000000 1.0000000000  1.8662799971  
5  'crystal symmetry operation' 1_535 x,y-2,z         1.0000000000 0.0000000000 0.0000000000 8.3380835593   0.0000000000 1.0000000000  0.0000000000 2.3786463477  0.0000000000 0.0000000000 1.0000000000  3.7325599941  
6  'crystal symmetry operation' 3_565 -x,y+3/2,-z+1/2 0.5603373097 0.4451251438 0.6984881572 -11.6316479543 0.4451251438 -0.8730169481 0.1992611722 4.4764002475  0.6984881572 0.1992611722 -0.6873203617 5.2250143351  
7  'crystal symmetry operation' 3_555 -x,y+1/2,-z+1/2 0.5603373097 0.4451251438 0.6984881572 -7.4626061746  0.4451251438 -0.8730169481 0.1992611722 5.6657234214  0.6984881572 0.1992611722 -0.6873203617 7.0912943322  
8  'crystal symmetry operation' 3_545 -x,y-1/2,-z+1/2 0.5603373097 0.4451251438 0.6984881572 -3.2935643949  0.4451251438 -0.8730169481 0.1992611722 6.8550465953  0.6984881572 0.1992611722 -0.6873203617 8.9575743293  
9  'crystal symmetry operation' 3_535 -x,y-3/2,-z+1/2 0.5603373097 0.4451251438 0.6984881572 0.8754773847   0.4451251438 -0.8730169481 0.1992611722 8.0443697691  0.6984881572 0.1992611722 -0.6873203617 10.8238543263 
10 'crystal symmetry operation' 3_525 -x,y-5/2,-z+1/2 0.5603373097 0.4451251438 0.6984881572 5.0445191644   0.4451251438 -0.8730169481 0.1992611722 9.2336929430  0.6984881572 0.1992611722 -0.6873203617 12.6901343234 
# 
loop_
_struct_conn.id 
_struct_conn.conn_type_id 
_struct_conn.pdbx_leaving_atom_flag 
_struct_conn.pdbx_PDB_id 
_struct_conn.ptnr1_label_asym_id 
_struct_conn.ptnr1_label_comp_id 
_struct_conn.ptnr1_label_seq_id 
_struct_conn.ptnr1_label_atom_id 
_struct_conn.pdbx_ptnr1_label_alt_id 
_struct_conn.pdbx_ptnr1_PDB_ins_code 
_struct_conn.pdbx_ptnr1_standard_comp_id 
_struct_conn.ptnr1_symmetry 
_struct_conn.ptnr2_label_asym_id 
_struct_conn.ptnr2_label_comp_id 
_struct_conn.ptnr2_label_seq_id 
_struct_conn.ptnr2_label_atom_id 
_struct_conn.pdbx_ptnr2_label_alt_id 
_struct_conn.pdbx_ptnr2_PDB_ins_code 
_struct_conn.ptnr1_auth_asym_id 
_struct_conn.ptnr1_auth_comp_id 
_struct_conn.ptnr1_auth_seq_id 
_struct_conn.ptnr2_auth_asym_id 
_struct_conn.ptnr2_auth_comp_id 
_struct_conn.ptnr2_auth_seq_id 
_struct_conn.ptnr2_symmetry 
_struct_conn.pdbx_ptnr3_label_atom_id 
_struct_conn.pdbx_ptnr3_label_seq_id 
_struct_conn.pdbx_ptnr3_label_comp_id 
_struct_conn.pdbx_ptnr3_label_asym_id 
_struct_conn.pdbx_ptnr3_label_alt_id 
_struct_conn.pdbx_ptnr3_PDB_ins_code 
_struct_conn.details 
_struct_conn.pdbx_dist_value 
_struct_conn.pdbx_value_order 
_struct_conn.pdbx_role 
covale1 covale both ? A GLY 3 C ? ? ? 1_555 A TPO 4 N ? ? A GLY 314 A TPO 315 1_555 ? ? ? ? ? ? ? 1.315 ? ? 
covale2 covale both ? A TPO 4 C ? ? ? 1_555 A PHE 5 N ? ? A TPO 315 A PHE 316 1_555 ? ? ? ? ? ? ? 1.320 ? ? 
# 
_struct_conn_type.id          covale 
_struct_conn_type.criteria    ? 
_struct_conn_type.reference   ? 
# 
_pdbx_modification_feature.ordinal                            1 
_pdbx_modification_feature.label_comp_id                      TPO 
_pdbx_modification_feature.label_asym_id                      A 
_pdbx_modification_feature.label_seq_id                       4 
_pdbx_modification_feature.label_alt_id                       ? 
_pdbx_modification_feature.modified_residue_label_comp_id     . 
_pdbx_modification_feature.modified_residue_label_asym_id     . 
_pdbx_modification_feature.modified_residue_label_seq_id      . 
_pdbx_modification_feature.modified_residue_label_alt_id      . 
_pdbx_modification_feature.auth_comp_id                       TPO 
_pdbx_modification_feature.auth_asym_id                       A 
_pdbx_modification_feature.auth_seq_id                        315 
_pdbx_modification_feature.PDB_ins_code                       ? 
_pdbx_modification_feature.symmetry                           1_555 
_pdbx_modification_feature.modified_residue_auth_comp_id      . 
_pdbx_modification_feature.modified_residue_auth_asym_id      . 
_pdbx_modification_feature.modified_residue_auth_seq_id       . 
_pdbx_modification_feature.modified_residue_PDB_ins_code      . 
_pdbx_modification_feature.modified_residue_symmetry          . 
_pdbx_modification_feature.comp_id_linking_atom               . 
_pdbx_modification_feature.modified_residue_id_linking_atom   . 
_pdbx_modification_feature.modified_residue_id                THR 
_pdbx_modification_feature.ref_pcm_id                         1 
_pdbx_modification_feature.ref_comp_id                        TPO 
_pdbx_modification_feature.type                               Phosphorylation 
_pdbx_modification_feature.category                           'Named protein modification' 
# 
_pdbx_entry_details.entry_id                   6CF4 
_pdbx_entry_details.compound_details           ? 
_pdbx_entry_details.source_details             ? 
_pdbx_entry_details.nonpolymer_details         ? 
_pdbx_entry_details.sequence_details           ? 
_pdbx_entry_details.has_ligand_of_interest     ? 
_pdbx_entry_details.has_protein_modification   Y 
# 
_pdbx_validate_symm_contact.id                1 
_pdbx_validate_symm_contact.PDB_model_num     1 
_pdbx_validate_symm_contact.auth_atom_id_1    O1P 
_pdbx_validate_symm_contact.auth_asym_id_1    A 
_pdbx_validate_symm_contact.auth_comp_id_1    TPO 
_pdbx_validate_symm_contact.auth_seq_id_1     315 
_pdbx_validate_symm_contact.PDB_ins_code_1    ? 
_pdbx_validate_symm_contact.label_alt_id_1    ? 
_pdbx_validate_symm_contact.site_symmetry_1   1_555 
_pdbx_validate_symm_contact.auth_atom_id_2    HOP2 
_pdbx_validate_symm_contact.auth_asym_id_2    A 
_pdbx_validate_symm_contact.auth_comp_id_2    TPO 
_pdbx_validate_symm_contact.auth_seq_id_2     315 
_pdbx_validate_symm_contact.PDB_ins_code_2    ? 
_pdbx_validate_symm_contact.label_alt_id_2    ? 
_pdbx_validate_symm_contact.site_symmetry_2   1_545 
_pdbx_validate_symm_contact.dist              1.52 
# 
_em_3d_fitting.entry_id          6CF4 
_em_3d_fitting.id                1 
_em_3d_fitting.details           ? 
_em_3d_fitting.overall_b_value   19.6 
_em_3d_fitting.ref_protocol      OTHER 
_em_3d_fitting.ref_space         RECIPROCAL 
_em_3d_fitting.target_criteria   'maximum likihood' 
_em_3d_fitting.method            ? 
# 
_em_3d_reconstruction.entry_id                    6CF4 
_em_3d_reconstruction.id                          1 
_em_3d_reconstruction.algorithm                   ? 
_em_3d_reconstruction.details                     
;Density map was obtained using measured diffraction intensities and phases acquired from a crystallographic direct methods program, shelxd.
;
_em_3d_reconstruction.refinement_type             ? 
_em_3d_reconstruction.image_processing_id         1 
_em_3d_reconstruction.num_class_averages          ? 
_em_3d_reconstruction.num_particles               ? 
_em_3d_reconstruction.resolution                  ? 
_em_3d_reconstruction.resolution_method           'DIFFRACTION PATTERN/LAYERLINES' 
_em_3d_reconstruction.symmetry_type               '3D CRYSTAL' 
_em_3d_reconstruction.method                      ? 
_em_3d_reconstruction.nominal_pixel_size          ? 
_em_3d_reconstruction.actual_pixel_size           ? 
_em_3d_reconstruction.magnification_calibration   ? 
# 
_em_buffer.id            1 
_em_buffer.details       ? 
_em_buffer.pH            4 
_em_buffer.specimen_id   1 
_em_buffer.name          ? 
# 
_em_entity_assembly.id                   1 
_em_entity_assembly.parent_id            0 
_em_entity_assembly.details              ? 
_em_entity_assembly.name                 'crystal of NFGTFS phosphorylated on threonine.' 
_em_entity_assembly.source               NATURAL 
_em_entity_assembly.type                 COMPLEX 
_em_entity_assembly.entity_id_list       1 
_em_entity_assembly.synonym              ? 
_em_entity_assembly.oligomeric_details   ? 
# 
_em_image_scans.entry_id                6CF4 
_em_image_scans.id                      1 
_em_image_scans.dimension_height        4096 
_em_image_scans.dimension_width         4096 
_em_image_scans.frames_per_image        ? 
_em_image_scans.image_recording_id      1 
_em_image_scans.sampling_size           ? 
_em_image_scans.scanner_model           ? 
_em_image_scans.used_frames_per_image   ? 
_em_image_scans.citation_id             ? 
_em_image_scans.number_digital_images   ? 
_em_image_scans.od_range                ? 
_em_image_scans.quant_bit_size          ? 
_em_image_scans.details                 ? 
# 
_em_imaging.id                              1 
_em_imaging.entry_id                        6CF4 
_em_imaging.accelerating_voltage            200 
_em_imaging.alignment_procedure             BASIC 
_em_imaging.c2_aperture_diameter            ? 
_em_imaging.calibrated_defocus_max          ? 
_em_imaging.calibrated_defocus_min          ? 
_em_imaging.calibrated_magnification        ? 
_em_imaging.cryogen                         NITROGEN 
_em_imaging.details                         ? 
_em_imaging.electron_source                 'FIELD EMISSION GUN' 
_em_imaging.illumination_mode               'FLOOD BEAM' 
_em_imaging.microscope_model                'FEI TECNAI F20' 
_em_imaging.mode                            DIFFRACTION 
_em_imaging.nominal_cs                      ? 
_em_imaging.nominal_defocus_max             ? 
_em_imaging.nominal_defocus_min             ? 
_em_imaging.nominal_magnification           ? 
_em_imaging.recording_temperature_maximum   100 
_em_imaging.recording_temperature_minimum   100 
_em_imaging.residual_tilt                   ? 
_em_imaging.specimen_holder_model           'GATAN 626 SINGLE TILT LIQUID NITROGEN CRYO TRANSFER HOLDER' 
_em_imaging.specimen_id                     1 
_em_imaging.citation_id                     ? 
_em_imaging.date                            ? 
_em_imaging.temperature                     ? 
_em_imaging.tilt_angle_min                  ? 
_em_imaging.tilt_angle_max                  ? 
_em_imaging.astigmatism                     ? 
_em_imaging.detector_distance               ? 
_em_imaging.electron_beam_tilt_params       ? 
_em_imaging.specimen_holder_type            ? 
# 
_em_sample_support.id               1 
_em_sample_support.specimen_id      1 
_em_sample_support.details          ? 
_em_sample_support.grid_material    COPPER 
_em_sample_support.grid_mesh_size   300 
_em_sample_support.grid_type        'Quantifoil R2/2' 
_em_sample_support.method           ? 
_em_sample_support.film_material    ? 
# 
_em_vitrification.id                    1 
_em_vitrification.specimen_id           1 
_em_vitrification.chamber_temperature   ? 
_em_vitrification.cryogen_name          ETHANE 
_em_vitrification.details               ? 
_em_vitrification.humidity              ? 
_em_vitrification.instrument            'FEI VITROBOT MARK IV' 
_em_vitrification.entry_id              6CF4 
_em_vitrification.citation_id           ? 
_em_vitrification.method                ? 
_em_vitrification.temp                  ? 
_em_vitrification.time_resolved_state   ? 
# 
_em_experiment.entry_id                6CF4 
_em_experiment.id                      1 
_em_experiment.aggregation_state       '3D ARRAY' 
_em_experiment.reconstruction_method   CRYSTALLOGRAPHY 
_em_experiment.entity_assembly_id      1 
# 
loop_
_chem_comp_atom.comp_id 
_chem_comp_atom.atom_id 
_chem_comp_atom.type_symbol 
_chem_comp_atom.pdbx_aromatic_flag 
_chem_comp_atom.pdbx_stereo_config 
_chem_comp_atom.pdbx_ordinal 
ASN N    N N N 1  
ASN CA   C N S 2  
ASN C    C N N 3  
ASN O    O N N 4  
ASN CB   C N N 5  
ASN CG   C N N 6  
ASN OD1  O N N 7  
ASN ND2  N N N 8  
ASN OXT  O N N 9  
ASN H    H N N 10 
ASN H2   H N N 11 
ASN HA   H N N 12 
ASN HB2  H N N 13 
ASN HB3  H N N 14 
ASN HD21 H N N 15 
ASN HD22 H N N 16 
ASN HXT  H N N 17 
GLY N    N N N 18 
GLY CA   C N N 19 
GLY C    C N N 20 
GLY O    O N N 21 
GLY OXT  O N N 22 
GLY H    H N N 23 
GLY H2   H N N 24 
GLY HA2  H N N 25 
GLY HA3  H N N 26 
GLY HXT  H N N 27 
HOH O    O N N 28 
HOH H1   H N N 29 
HOH H2   H N N 30 
PHE N    N N N 31 
PHE CA   C N S 32 
PHE C    C N N 33 
PHE O    O N N 34 
PHE CB   C N N 35 
PHE CG   C Y N 36 
PHE CD1  C Y N 37 
PHE CD2  C Y N 38 
PHE CE1  C Y N 39 
PHE CE2  C Y N 40 
PHE CZ   C Y N 41 
PHE OXT  O N N 42 
PHE H    H N N 43 
PHE H2   H N N 44 
PHE HA   H N N 45 
PHE HB2  H N N 46 
PHE HB3  H N N 47 
PHE HD1  H N N 48 
PHE HD2  H N N 49 
PHE HE1  H N N 50 
PHE HE2  H N N 51 
PHE HZ   H N N 52 
PHE HXT  H N N 53 
SER N    N N N 54 
SER CA   C N S 55 
SER C    C N N 56 
SER O    O N N 57 
SER CB   C N N 58 
SER OG   O N N 59 
SER OXT  O N N 60 
SER H    H N N 61 
SER H2   H N N 62 
SER HA   H N N 63 
SER HB2  H N N 64 
SER HB3  H N N 65 
SER HG   H N N 66 
SER HXT  H N N 67 
TPO N    N N N 68 
TPO CA   C N S 69 
TPO CB   C N R 70 
TPO CG2  C N N 71 
TPO OG1  O N N 72 
TPO P    P N N 73 
TPO O1P  O N N 74 
TPO O2P  O N N 75 
TPO O3P  O N N 76 
TPO C    C N N 77 
TPO O    O N N 78 
TPO OXT  O N N 79 
TPO H    H N N 80 
TPO H2   H N N 81 
TPO HA   H N N 82 
TPO HB   H N N 83 
TPO HG21 H N N 84 
TPO HG22 H N N 85 
TPO HG23 H N N 86 
TPO HOP2 H N N 87 
TPO HOP3 H N N 88 
TPO HXT  H N N 89 
# 
loop_
_chem_comp_bond.comp_id 
_chem_comp_bond.atom_id_1 
_chem_comp_bond.atom_id_2 
_chem_comp_bond.value_order 
_chem_comp_bond.pdbx_aromatic_flag 
_chem_comp_bond.pdbx_stereo_config 
_chem_comp_bond.pdbx_ordinal 
ASN N   CA   sing N N 1  
ASN N   H    sing N N 2  
ASN N   H2   sing N N 3  
ASN CA  C    sing N N 4  
ASN CA  CB   sing N N 5  
ASN CA  HA   sing N N 6  
ASN C   O    doub N N 7  
ASN C   OXT  sing N N 8  
ASN CB  CG   sing N N 9  
ASN CB  HB2  sing N N 10 
ASN CB  HB3  sing N N 11 
ASN CG  OD1  doub N N 12 
ASN CG  ND2  sing N N 13 
ASN ND2 HD21 sing N N 14 
ASN ND2 HD22 sing N N 15 
ASN OXT HXT  sing N N 16 
GLY N   CA   sing N N 17 
GLY N   H    sing N N 18 
GLY N   H2   sing N N 19 
GLY CA  C    sing N N 20 
GLY CA  HA2  sing N N 21 
GLY CA  HA3  sing N N 22 
GLY C   O    doub N N 23 
GLY C   OXT  sing N N 24 
GLY OXT HXT  sing N N 25 
HOH O   H1   sing N N 26 
HOH O   H2   sing N N 27 
PHE N   CA   sing N N 28 
PHE N   H    sing N N 29 
PHE N   H2   sing N N 30 
PHE CA  C    sing N N 31 
PHE CA  CB   sing N N 32 
PHE CA  HA   sing N N 33 
PHE C   O    doub N N 34 
PHE C   OXT  sing N N 35 
PHE CB  CG   sing N N 36 
PHE CB  HB2  sing N N 37 
PHE CB  HB3  sing N N 38 
PHE CG  CD1  doub Y N 39 
PHE CG  CD2  sing Y N 40 
PHE CD1 CE1  sing Y N 41 
PHE CD1 HD1  sing N N 42 
PHE CD2 CE2  doub Y N 43 
PHE CD2 HD2  sing N N 44 
PHE CE1 CZ   doub Y N 45 
PHE CE1 HE1  sing N N 46 
PHE CE2 CZ   sing Y N 47 
PHE CE2 HE2  sing N N 48 
PHE CZ  HZ   sing N N 49 
PHE OXT HXT  sing N N 50 
SER N   CA   sing N N 51 
SER N   H    sing N N 52 
SER N   H2   sing N N 53 
SER CA  C    sing N N 54 
SER CA  CB   sing N N 55 
SER CA  HA   sing N N 56 
SER C   O    doub N N 57 
SER C   OXT  sing N N 58 
SER CB  OG   sing N N 59 
SER CB  HB2  sing N N 60 
SER CB  HB3  sing N N 61 
SER OG  HG   sing N N 62 
SER OXT HXT  sing N N 63 
TPO N   CA   sing N N 64 
TPO N   H    sing N N 65 
TPO N   H2   sing N N 66 
TPO CA  CB   sing N N 67 
TPO CA  C    sing N N 68 
TPO CA  HA   sing N N 69 
TPO CB  CG2  sing N N 70 
TPO CB  OG1  sing N N 71 
TPO CB  HB   sing N N 72 
TPO CG2 HG21 sing N N 73 
TPO CG2 HG22 sing N N 74 
TPO CG2 HG23 sing N N 75 
TPO OG1 P    sing N N 76 
TPO P   O1P  doub N N 77 
TPO P   O2P  sing N N 78 
TPO P   O3P  sing N N 79 
TPO O2P HOP2 sing N N 80 
TPO O3P HOP3 sing N N 81 
TPO C   O    doub N N 82 
TPO C   OXT  sing N N 83 
TPO OXT HXT  sing N N 84 
# 
_em_3d_crystal_entity.id                    1 
_em_3d_crystal_entity.image_processing_id   1 
_em_3d_crystal_entity.angle_alpha           90.00 
_em_3d_crystal_entity.angle_beta            90.00 
_em_3d_crystal_entity.angle_gamma           90.00 
_em_3d_crystal_entity.length_a              23.650 
_em_3d_crystal_entity.length_b              4.720 
_em_3d_crystal_entity.length_c              30.060 
_em_3d_crystal_entity.space_group_name      'P 21 21 21' 
_em_3d_crystal_entity.space_group_num       19 
# 
_em_admin.entry_id           6CF4 
_em_admin.current_status     REL 
_em_admin.deposition_date    2018-02-13 
_em_admin.deposition_site    RCSB 
_em_admin.last_update        2024-11-06 
_em_admin.map_release_date   2018-05-23 
_em_admin.title              
;Segment NFGTFS, with familial mutation A315T and phosphorylated threonine, from the low complexity domain of TDP-43, residues 312-317
;
# 
_em_crystal_formation.id                    1 
_em_crystal_formation.specimen_id           1 
_em_crystal_formation.atmosphere            'air, sealed chamber' 
_em_crystal_formation.details               
'Crystals were prepared by shaking peptide in microcentrifuge tube at 37 deg Celsius for 4 days.' 
_em_crystal_formation.instrument            'microcentrifuge tube' 
_em_crystal_formation.lipid_mixture         none 
_em_crystal_formation.lipid_protein_ratio   ? 
_em_crystal_formation.temperature           310 
_em_crystal_formation.time                  4 
_em_crystal_formation.time_unit             DAY 
# 
_em_ctf_correction.id                       1 
_em_ctf_correction.em_image_processing_id   1 
_em_ctf_correction.type                     NONE 
_em_ctf_correction.details                  ? 
# 
_em_diffraction.id                1 
_em_diffraction.camera_length     819 
_em_diffraction.imaging_id        1 
_em_diffraction.tilt_angle_list   ? 
# 
loop_
_em_diffraction_shell.id 
_em_diffraction_shell.em_diffraction_stats_id 
_em_diffraction_shell.fourier_space_coverage 
_em_diffraction_shell.high_resolution 
_em_diffraction_shell.low_resolution 
_em_diffraction_shell.multiplicity 
_em_diffraction_shell.num_structure_factors 
_em_diffraction_shell.phase_residual 
1 1 85 7.65 1.08 3.6 1300 20.96 
2 1 88 1.08 0.86 3.9 1241 37.03 
3 1 88 0.86 0.75 3.9 1209 39.38 
# 
_em_diffraction_stats.id                               1 
_em_diffraction_stats.details                          ? 
_em_diffraction_stats.image_processing_id              1 
_em_diffraction_stats.fourier_space_coverage           86.6 
_em_diffraction_stats.high_resolution                  0.75 
_em_diffraction_stats.num_intensities_measured         15891 
_em_diffraction_stats.num_structure_factors            4177 
_em_diffraction_stats.overall_phase_error              32.2 
_em_diffraction_stats.overall_phase_residual           32.2 
_em_diffraction_stats.phase_error_rejection_criteria   0 
_em_diffraction_stats.r_merge                          17.2 
_em_diffraction_stats.r_sym                            17.2 
# 
_em_entity_assembly_molwt.entity_assembly_id   1 
_em_entity_assembly_molwt.id                   1 
_em_entity_assembly_molwt.experimental_flag    NO 
_em_entity_assembly_molwt.units                ? 
_em_entity_assembly_molwt.value                ? 
# 
_em_entity_assembly_naturalsource.id                   2 
_em_entity_assembly_naturalsource.entity_assembly_id   1 
_em_entity_assembly_naturalsource.cell                 ? 
_em_entity_assembly_naturalsource.cellular_location    ? 
_em_entity_assembly_naturalsource.ncbi_tax_id          9606 
_em_entity_assembly_naturalsource.organ                ? 
_em_entity_assembly_naturalsource.organelle            ? 
_em_entity_assembly_naturalsource.organism             'Homo sapiens' 
_em_entity_assembly_naturalsource.strain               ? 
_em_entity_assembly_naturalsource.tissue               ? 
# 
_em_image_processing.id                   1 
_em_image_processing.image_recording_id   1 
_em_image_processing.details              ? 
# 
_em_image_recording.id                            1 
_em_image_recording.imaging_id                    1 
_em_image_recording.avg_electron_dose_per_image   0.01 
_em_image_recording.average_exposure_time         3 
_em_image_recording.details                       'The detector was operated in rolling shutter mode with 2X2 pixel binning.' 
_em_image_recording.detector_mode                 ? 
_em_image_recording.film_or_detector_model        'TVIPS TEMCAM-F416 (4k x 4k)' 
_em_image_recording.num_diffraction_images        100 
_em_image_recording.num_grids_imaged              1 
_em_image_recording.num_real_images               ? 
# 
loop_
_em_software.id 
_em_software.category 
_em_software.details 
_em_software.name 
_em_software.version 
_em_software.image_processing_id 
_em_software.fitting_id 
_em_software.imaging_id 
1  'IMAGE ACQUISITION'             ?                EM-Menu ?      ? ? 1 
2  MASKING                         ?                ?       ?      ? ? ? 
3  'CTF CORRECTION'                ?                ?       ?      1 ? ? 
4  'LAYERLINE INDEXING'            ?                ?       ?      ? ? ? 
5  'DIFFRACTION INDEXING'          ?                ?       ?      ? ? ? 
6  'MODEL FITTING'                 ?                Coot    ?      ? 1 ? 
7  OTHER                           ?                ?       ?      ? ? ? 
8  'MOLECULAR REPLACEMENT'         ?                ?       ?      1 ? ? 
9  'LATTICE DISTORTION CORRECTION' ?                ?       ?      1 ? ? 
10 'SYMMETRY DETERMINATION'        ?                ?       ?      1 ? ? 
11 'CRYSTALLOGRAPHY MERGING'       ?                ?       ?      1 ? ? 
12 RECONSTRUCTION                  'direct methods' SHELXD  2013/2 1 ? ? 
13 'MODEL REFINEMENT'              ?                PHENIX  ?      ? 1 ? 
# 
_em_specimen.id                      1 
_em_specimen.experiment_id           1 
_em_specimen.concentration           ? 
_em_specimen.details                 ? 
_em_specimen.embedding_applied       NO 
_em_specimen.shadowing_applied       NO 
_em_specimen.staining_applied        NO 
_em_specimen.vitrification_applied   YES 
# 
_pdbx_audit_support.funding_organization   'National Institutes of Health/National Institute on Aging (NIH/NIA)' 
_pdbx_audit_support.country                'United States' 
_pdbx_audit_support.grant_number           AG029430 
_pdbx_audit_support.ordinal                1 
# 
_atom_sites.entry_id                    6CF4 
_atom_sites.fract_transf_matrix[1][1]   0.01976995 
_atom_sites.fract_transf_matrix[1][2]   -0.02266824 
_atom_sites.fract_transf_matrix[1][3]   -0.02971788 
_atom_sites.fract_transf_matrix[2][1]   -0.18713345 
_atom_sites.fract_transf_matrix[2][2]   -0.05338448 
_atom_sites.fract_transf_matrix[2][3]   -0.08377067 
_atom_sites.fract_transf_matrix[3][1]   0.00116034 
_atom_sites.fract_transf_matrix[3][2]   0.02680208 
_atom_sites.fract_transf_matrix[3][3]   -0.01967220 
_atom_sites.fract_transf_vector[1]      0.243353 
_atom_sites.fract_transf_vector[2]      0.638134 
_atom_sites.fract_transf_vector[3]      0.248155 
# 
loop_
_atom_type.symbol 
C 
H 
N 
O 
P 
# 
loop_
_atom_site.group_PDB 
_atom_site.id 
_atom_site.type_symbol 
_atom_site.label_atom_id 
_atom_site.label_alt_id 
_atom_site.label_comp_id 
_atom_site.label_asym_id 
_atom_site.label_entity_id 
_atom_site.label_seq_id 
_atom_site.pdbx_PDB_ins_code 
_atom_site.Cartn_x 
_atom_site.Cartn_y 
_atom_site.Cartn_z 
_atom_site.occupancy 
_atom_site.B_iso_or_equiv 
_atom_site.pdbx_formal_charge 
_atom_site.auth_seq_id 
_atom_site.auth_comp_id 
_atom_site.auth_asym_id 
_atom_site.auth_atom_id 
_atom_site.pdbx_PDB_model_num 
ATOM   1  N N    . ASN A 1 1 ? 3.576  -6.926 -2.425 1.00 4.43   ? 312 ASN A N    1 
ATOM   2  C CA   . ASN A 1 1 ? 3.649  -6.194 -1.125 1.00 2.56   ? 312 ASN A CA   1 
ATOM   3  C C    . ASN A 1 1 ? 2.308  -6.218 -0.432 1.00 2.97   ? 312 ASN A C    1 
ATOM   4  O O    . ASN A 1 1 ? 1.434  -6.983 -0.814 1.00 2.25   ? 312 ASN A O    1 
ATOM   5  C CB   . ASN A 1 1 ? 4.193  -4.756 -1.288 1.00 3.07   ? 312 ASN A CB   1 
ATOM   6  C CG   . ASN A 1 1 ? 3.272  -3.824 -2.055 1.00 2.97   ? 312 ASN A CG   1 
ATOM   7  O OD1  . ASN A 1 1 ? 2.177  -4.178 -2.473 1.00 2.97   ? 312 ASN A OD1  1 
ATOM   8  N ND2  . ASN A 1 1 ? 3.729  -2.604 -2.218 1.00 3.48   ? 312 ASN A ND2  1 
ATOM   9  H H1   . ASN A 1 1 ? 4.145  -7.611 -2.411 0.51 52.60  ? 312 ASN A H1   1 
ATOM   10 H H2   . ASN A 1 1 ? 2.750  -7.230 -2.549 1.00 13.53  ? 312 ASN A H2   1 
ATOM   11 H H3   . ASN A 1 1 ? 3.794  -6.374 -3.088 0.12 170.86 ? 312 ASN A H3   1 
ATOM   12 H HA   . ASN A 1 1 ? 4.265  -6.675 -0.556 0.83 1.52   ? 312 ASN A HA   1 
ATOM   13 H HB2  . ASN A 1 1 ? 4.336  -4.370 -0.407 1.00 3.68   ? 312 ASN A HB2  1 
ATOM   14 H HB3  . ASN A 1 1 ? 5.036  -4.794 -1.767 0.78 3.22   ? 312 ASN A HB3  1 
ATOM   15 H HD22 . ASN A 1 1 ? 4.504  -2.398 -1.907 1.00 10.51  ? 312 ASN A HD22 1 
ATOM   16 N N    . PHE A 1 2 ? 2.165  -5.434 0.634  1.00 3.44   ? 313 PHE A N    1 
ATOM   17 C CA   . PHE A 1 2 ? 0.843  -5.263 1.206  1.00 3.12   ? 313 PHE A CA   1 
ATOM   18 C C    . PHE A 1 2 ? 0.098  -4.186 0.443  1.00 2.62   ? 313 PHE A C    1 
ATOM   19 O O    . PHE A 1 2 ? -0.951 -4.447 -0.143 1.00 3.19   ? 313 PHE A O    1 
ATOM   20 C CB   . PHE A 1 2 ? 0.899  -4.963 2.701  1.00 3.47   ? 313 PHE A CB   1 
ATOM   21 C CG   . PHE A 1 2 ? -0.432 -5.066 3.363  1.00 4.70   ? 313 PHE A CG   1 
ATOM   22 C CD1  . PHE A 1 2 ? -0.869 -6.273 3.854  1.00 5.86   ? 313 PHE A CD1  1 
ATOM   23 C CD2  . PHE A 1 2 ? -1.270 -3.970 3.454  1.00 7.22   ? 313 PHE A CD2  1 
ATOM   24 C CE1  . PHE A 1 2 ? -2.107 -6.386 4.453  1.00 6.40   ? 313 PHE A CE1  1 
ATOM   25 C CE2  . PHE A 1 2 ? -2.512 -4.079 4.048  1.00 8.18   ? 313 PHE A CE2  1 
ATOM   26 C CZ   . PHE A 1 2 ? -2.928 -5.293 4.550  1.00 7.02   ? 313 PHE A CZ   1 
ATOM   27 H H    . PHE A 1 2 ? 2.797  -5.004 1.031  1.00 4.95   ? 313 PHE A H    1 
ATOM   28 H HA   . PHE A 1 2 ? 0.344  -6.086 1.099  0.76 2.02   ? 313 PHE A HA   1 
ATOM   29 H HB3  . PHE A 1 2 ? 1.230  -4.061 2.831  0.89 1.86   ? 313 PHE A HB3  1 
ATOM   30 H HD1  . PHE A 1 2 ? -0.319 -7.021 3.793  0.56 7.21   ? 313 PHE A HD1  1 
ATOM   31 H HD2  . PHE A 1 2 ? -0.992 -3.149 3.117  1.00 105.75 ? 313 PHE A HD2  1 
ATOM   32 H HE1  . PHE A 1 2 ? -2.386 -7.207 4.789  1.00 42.48  ? 313 PHE A HE1  1 
ATOM   33 H HE2  . PHE A 1 2 ? -3.064 -3.332 4.113  0.00 85.96  ? 313 PHE A HE2  1 
ATOM   34 H HZ   . PHE A 1 2 ? -3.763 -5.373 4.954  0.73 12.47  ? 313 PHE A HZ   1 
ATOM   35 N N    . GLY A 1 3 ? 0.653  -2.996 0.368  1.00 2.45   ? 314 GLY A N    1 
ATOM   36 C CA   . GLY A 1 3 ? 0.088  -2.048 -0.541 1.00 3.11   ? 314 GLY A CA   1 
ATOM   37 C C    . GLY A 1 3 ? 0.416  -0.643 -0.177 1.00 2.26   ? 314 GLY A C    1 
ATOM   38 O O    . GLY A 1 3 ? 1.425  -0.353 0.446  1.00 2.67   ? 314 GLY A O    1 
ATOM   39 H HA2  . GLY A 1 3 ? 0.425  -2.225 -1.433 0.89 5.70   ? 314 GLY A HA2  1 
ATOM   40 H HA3  . GLY A 1 3 ? -0.869 -2.148 -0.544 1.00 120.76 ? 314 GLY A HA3  1 
HETATM 41 N N    . TPO A 1 4 ? -0.474 0.243  -0.568 1.00 2.39   ? 315 TPO A N    1 
HETATM 42 C CA   . TPO A 1 4 ? -0.177 1.642  -0.553 1.00 2.13   ? 315 TPO A CA   1 
HETATM 43 C CB   . TPO A 1 4 ? 0.274  2.081  -1.939 1.00 2.35   ? 315 TPO A CB   1 
HETATM 44 C CG2  . TPO A 1 4 ? 0.437  3.593  -2.059 1.00 3.60   ? 315 TPO A CG2  1 
HETATM 45 O OG1  . TPO A 1 4 ? 1.559  1.493  -2.086 1.00 2.68   ? 315 TPO A OG1  1 
HETATM 46 P P    . TPO A 1 4 ? 1.763  0.604  -3.403 1.00 2.79   ? 315 TPO A P    1 
HETATM 47 O O1P  . TPO A 1 4 ? 3.254  0.063  -3.348 1.00 3.38   ? 315 TPO A O1P  1 
HETATM 48 O O2P  . TPO A 1 4 ? 0.853  -0.578 -3.354 1.00 3.46   ? 315 TPO A O2P  1 
HETATM 49 O O3P  . TPO A 1 4 ? 1.510  1.428  -4.721 1.00 2.79   ? 315 TPO A O3P  1 
HETATM 50 C C    . TPO A 1 4 ? -1.394 2.406  -0.099 1.00 2.52   ? 315 TPO A C    1 
HETATM 51 O O    . TPO A 1 4 ? -2.496 2.185  -0.562 1.00 2.17   ? 315 TPO A O    1 
HETATM 52 H H    . TPO A 1 4 ? -1.495 -0.028 -0.871 1.00 17.81  ? 315 TPO A H    1 
HETATM 53 H HA   . TPO A 1 4 ? 0.545  1.807  0.086  0.90 0.08   ? 315 TPO A HA   1 
HETATM 54 H HG21 . TPO A 1 4 ? -0.033 3.925  -2.984 1.00 25.49  ? 315 TPO A HG21 1 
HETATM 55 H HG22 . TPO A 1 4 ? 1.500  3.828  -2.098 0.87 16.05  ? 315 TPO A HG22 1 
HETATM 56 H HG23 . TPO A 1 4 ? -0.010 4.126  -1.224 0.82 7.61   ? 315 TPO A HG23 1 
HETATM 57 H HOP2 . TPO A 1 4 ? 0.047  -0.679 -4.128 1.00 1.84   ? 315 TPO A HOP2 1 
ATOM   58 N N    . PHE A 1 5 ? -1.168 3.304  0.842  1.00 3.18   ? 316 PHE A N    1 
ATOM   59 C CA   . PHE A 1 5 ? -2.194 4.217  1.286  1.00 3.55   ? 316 PHE A CA   1 
ATOM   60 C C    . PHE A 1 5 ? -1.739 5.603  0.898  1.00 3.16   ? 316 PHE A C    1 
ATOM   61 O O    . PHE A 1 5 ? -0.658 6.034  1.269  1.00 3.31   ? 316 PHE A O    1 
ATOM   62 C CB   . PHE A 1 5 ? -2.312 4.114  2.799  1.00 5.05   ? 316 PHE A CB   1 
ATOM   63 C CG   . PHE A 1 5 ? -3.392 4.960  3.398  1.00 7.31   ? 316 PHE A CG   1 
ATOM   64 C CD1  . PHE A 1 5 ? -4.375 5.546  2.627  1.00 8.89   ? 316 PHE A CD1  1 
ATOM   65 C CD2  . PHE A 1 5 ? -3.419 5.160  4.766  1.00 9.55   ? 316 PHE A CD2  1 
ATOM   66 C CE1  . PHE A 1 5 ? -5.354 6.321  3.216  1.00 10.84  ? 316 PHE A CE1  1 
ATOM   67 C CE2  . PHE A 1 5 ? -4.393 5.925  5.358  1.00 10.86  ? 316 PHE A CE2  1 
ATOM   68 C CZ   . PHE A 1 5 ? -5.358 6.515  4.583  1.00 9.09   ? 316 PHE A CZ   1 
ATOM   69 H H    . PHE A 1 5 ? -0.412 3.405  1.242  1.00 13.00  ? 316 PHE A H    1 
ATOM   70 H HA   . PHE A 1 5 ? -3.046 4.018  0.865  1.00 4.01   ? 316 PHE A HA   1 
ATOM   71 H HB3  . PHE A 1 5 ? -1.467 4.379  3.201  1.00 3.45   ? 316 PHE A HB3  1 
ATOM   72 H HD1  . PHE A 1 5 ? -4.377 5.428  1.705  1.00 153.69 ? 316 PHE A HD1  1 
ATOM   73 H HD2  . PHE A 1 5 ? -2.764 4.768  5.296  0.92 58.96  ? 316 PHE A HD2  1 
ATOM   74 H HE1  . PHE A 1 5 ? -6.010 6.717  2.689  0.00 85.49  ? 316 PHE A HE1  1 
ATOM   75 H HE2  . PHE A 1 5 ? -4.392 6.052  6.279  1.00 43.71  ? 316 PHE A HE2  1 
ATOM   76 H HZ   . PHE A 1 5 ? -6.021 7.032  4.979  0.00 7.08   ? 316 PHE A HZ   1 
ATOM   77 N N    . SER A 1 6 ? -2.553 6.309  0.147  1.00 4.36   ? 317 SER A N    1 
ATOM   78 C CA   . SER A 1 6 ? -2.209 7.646  -0.273 1.00 5.97   ? 317 SER A CA   1 
ATOM   79 C C    . SER A 1 6 ? -3.438 8.510  -0.100 1.00 6.06   ? 317 SER A C    1 
ATOM   80 O O    . SER A 1 6 ? -4.514 8.042  0.215  1.00 5.98   ? 317 SER A O    1 
ATOM   81 C CB   . SER A 1 6 ? -1.709 7.626  -1.743 1.00 8.74   ? 317 SER A CB   1 
ATOM   82 O OG   . SER A 1 6 ? -2.740 7.455  -2.582 1.00 9.51   ? 317 SER A OG   1 
ATOM   83 O OXT  . SER A 1 6 ? -3.362 9.710  -0.404 1.00 5.61   ? 317 SER A OXT  1 
ATOM   84 H H    . SER A 1 6 ? -3.317 6.034  -0.135 0.00 80.72  ? 317 SER A H    1 
ATOM   85 H HA   . SER A 1 6 ? -1.494 7.999  0.298  0.91 7.32   ? 317 SER A HA   1 
ATOM   86 H HB2  . SER A 1 6 ? -1.272 8.468  -1.942 0.00 61.56  ? 317 SER A HB2  1 
ATOM   87 H HB3  . SER A 1 6 ? -1.085 6.892  -1.855 1.00 13.83  ? 317 SER A HB3  1 
ATOM   88 H HG   . SER A 1 6 ? -3.271 8.076  -2.504 0.29 12.54  ? 317 SER A HG   1 
HETATM 89 O O    . HOH B 2 . ? 2.990  3.185  -5.758 1.00 3.07   ? 401 HOH A O    1 
# 
loop_
_atom_site_anisotrop.id 
_atom_site_anisotrop.type_symbol 
_atom_site_anisotrop.pdbx_label_atom_id 
_atom_site_anisotrop.pdbx_label_alt_id 
_atom_site_anisotrop.pdbx_label_comp_id 
_atom_site_anisotrop.pdbx_label_asym_id 
_atom_site_anisotrop.pdbx_label_seq_id 
_atom_site_anisotrop.pdbx_PDB_ins_code 
_atom_site_anisotrop.U[1][1] 
_atom_site_anisotrop.U[2][2] 
_atom_site_anisotrop.U[3][3] 
_atom_site_anisotrop.U[1][2] 
_atom_site_anisotrop.U[1][3] 
_atom_site_anisotrop.U[2][3] 
_atom_site_anisotrop.pdbx_auth_seq_id 
_atom_site_anisotrop.pdbx_auth_comp_id 
_atom_site_anisotrop.pdbx_auth_asym_id 
_atom_site_anisotrop.pdbx_auth_atom_id 
1  N N   . ASN A 1 ? 0.0548 0.0397 0.0736 0.0122  -0.0272 -0.0052 312 ASN A N   
2  C CA  . ASN A 1 ? 0.0221 0.0251 0.0501 -0.0029 -0.0125 0.0067  312 ASN A CA  
3  C C   . ASN A 1 ? 0.0423 0.0265 0.0439 -0.0015 -0.0062 0.0165  312 ASN A C   
4  O O   . ASN A 1 ? 0.0255 0.0242 0.0357 -0.0071 -0.0131 0.0128  312 ASN A O   
5  C CB  . ASN A 1 ? 0.0470 0.0282 0.0413 0.0006  -0.0042 0.0066  312 ASN A CB  
6  C CG  . ASN A 1 ? 0.0406 0.0277 0.0446 -0.0150 -0.0114 0.0083  312 ASN A CG  
7  O OD1 . ASN A 1 ? 0.0295 0.0417 0.0414 -0.0054 -0.0164 0.0124  312 ASN A OD1 
8  N ND2 . ASN A 1 ? 0.0477 0.0353 0.0492 -0.0083 -0.0110 0.0034  312 ASN A ND2 
16 N N   . PHE A 2 ? 0.0493 0.0357 0.0458 0.0003  -0.0054 0.0156  313 PHE A N   
17 C CA  . PHE A 2 ? 0.0396 0.0346 0.0445 -0.0037 -0.0173 0.0105  313 PHE A CA  
18 C C   . PHE A 2 ? 0.0232 0.0327 0.0439 -0.0058 -0.0123 0.0154  313 PHE A C   
19 O O   . PHE A 2 ? 0.0446 0.0347 0.0422 -0.0144 -0.0219 0.0149  313 PHE A O   
20 C CB  . PHE A 2 ? 0.0276 0.0458 0.0583 -0.0140 -0.0100 -0.0016 313 PHE A CB  
21 C CG  . PHE A 2 ? 0.0413 0.0584 0.0790 -0.0263 0.0010  0.0019  313 PHE A CG  
22 C CD1 . PHE A 2 ? 0.0554 0.0763 0.0911 -0.0304 0.0188  0.0059  313 PHE A CD1 
23 C CD2 . PHE A 2 ? 0.0693 0.0916 0.1136 -0.0380 0.0229  -0.0028 313 PHE A CD2 
24 C CE1 . PHE A 2 ? 0.0673 0.0800 0.0958 -0.0408 0.0096  -0.0057 313 PHE A CE1 
25 C CE2 . PHE A 2 ? 0.0773 0.1084 0.1251 -0.0236 0.0239  0.0008  313 PHE A CE2 
26 C CZ  . PHE A 2 ? 0.0647 0.0970 0.1049 -0.0415 0.0140  -0.0072 313 PHE A CZ  
35 N N   . GLY A 3 ? 0.0211 0.0302 0.0419 -0.0028 -0.0128 0.0073  314 GLY A N   
36 C CA  . GLY A 3 ? 0.0348 0.0327 0.0504 -0.0134 -0.0147 0.0024  314 GLY A CA  
37 C C   . GLY A 3 ? 0.0274 0.0226 0.0360 -0.0088 -0.0152 0.0114  314 GLY A C   
38 O O   . GLY A 3 ? 0.0184 0.0278 0.0554 -0.0007 -0.0017 0.0177  314 GLY A O   
41 N N   . TPO A 4 ? 0.0342 0.0237 0.0328 -0.0048 -0.0102 0.0125  315 TPO A N   
42 C CA  . TPO A 4 ? 0.0184 0.0269 0.0356 -0.0039 -0.0041 0.0161  315 TPO A CA  
43 C CB  . TPO A 4 ? 0.0249 0.0303 0.0341 -0.0096 0.0029  0.0109  315 TPO A CB  
44 C CG2 . TPO A 4 ? 0.0225 0.0563 0.0578 -0.0081 0.0050  0.0102  315 TPO A CG2 
45 O OG1 . TPO A 4 ? 0.0328 0.0361 0.0330 -0.0041 -0.0066 0.0181  315 TPO A OG1 
46 P P   . TPO A 4 ? 0.0356 0.0276 0.0428 -0.0091 -0.0070 0.0156  315 TPO A P   
47 O O1P . TPO A 4 ? 0.0531 0.0341 0.0414 -0.0103 -0.0058 0.0180  315 TPO A O1P 
48 O O2P . TPO A 4 ? 0.0487 0.0325 0.0503 -0.0134 -0.0161 0.0173  315 TPO A O2P 
49 O O3P . TPO A 4 ? 0.0305 0.0265 0.0490 -0.0041 -0.0085 0.0168  315 TPO A O3P 
50 C C   . TPO A 4 ? 0.0305 0.0293 0.0361 -0.0121 -0.0028 0.0123  315 TPO A C   
51 O O   . TPO A 4 ? 0.0176 0.0303 0.0344 -0.0075 -0.0074 0.0077  315 TPO A O   
58 N N   . PHE A 5 ? 0.0539 0.0391 0.0277 -0.0245 -0.0041 0.0007  316 PHE A N   
59 C CA  . PHE A 5 ? 0.0414 0.0503 0.0433 -0.0157 -0.0157 0.0055  316 PHE A CA  
60 C C   . PHE A 5 ? 0.0398 0.0340 0.0461 -0.0111 -0.0222 0.0101  316 PHE A C   
61 O O   . PHE A 5 ? 0.0419 0.0313 0.0526 0.0034  -0.0137 0.0155  316 PHE A O   
62 C CB  . PHE A 5 ? 0.0638 0.0814 0.0467 0.0171  -0.0124 0.0141  316 PHE A CB  
63 C CG  . PHE A 5 ? 0.0774 0.1272 0.0731 0.0327  -0.0214 0.0195  316 PHE A CG  
64 C CD1 . PHE A 5 ? 0.0787 0.1634 0.0956 0.0406  -0.0178 0.0238  316 PHE A CD1 
65 C CD2 . PHE A 5 ? 0.1195 0.1589 0.0845 0.0485  -0.0299 0.0189  316 PHE A CD2 
66 C CE1 . PHE A 5 ? 0.1249 0.1834 0.1034 0.0622  -0.0024 0.0324  316 PHE A CE1 
67 C CE2 . PHE A 5 ? 0.1310 0.1864 0.0954 0.0593  -0.0260 0.0255  316 PHE A CE2 
68 C CZ  . PHE A 5 ? 0.0877 0.1646 0.0931 0.0468  -0.0178 0.0234  316 PHE A CZ  
77 N N   . SER A 6 ? 0.0464 0.0522 0.0668 -0.0133 -0.0272 0.0032  317 SER A N   
78 C CA  . SER A 6 ? 0.0841 0.0648 0.0782 -0.0120 -0.0194 0.0053  317 SER A CA  
79 C C   . SER A 6 ? 0.0954 0.0616 0.0732 -0.0089 -0.0063 0.0304  317 SER A C   
80 O O   . SER A 6 ? 0.0727 0.0693 0.0853 -0.0073 -0.0062 0.0394  317 SER A O   
81 C CB  . SER A 6 ? 0.1109 0.1066 0.1146 0.0100  -0.0069 0.0084  317 SER A CB  
82 O OG  . SER A 6 ? 0.1227 0.1295 0.1091 0.0189  -0.0148 0.0113  317 SER A OG  
83 O OXT . SER A 6 ? 0.0979 0.0579 0.0575 -0.0075 -0.0067 0.0294  317 SER A OXT 
89 O O   . HOH B . ? 0.0411 0.0323 0.0434 0.0098  -0.0054 0.0159  401 HOH A O   
# 
